data_1MGQ
#
_entry.id   1MGQ
#
_cell.length_a   40.591
_cell.length_b   71.883
_cell.length_c   95.095
_cell.angle_alpha   90.00
_cell.angle_beta   94.02
_cell.angle_gamma   90.00
#
_symmetry.space_group_name_H-M   'P 1 21 1'
#
loop_
_entity.id
_entity.type
_entity.pdbx_description
1 polymer 'SM-LIKE PROTEIN'
2 water water
#
_entity_poly.entity_id   1
_entity_poly.type   'polypeptide(L)'
_entity_poly.pdbx_seq_one_letter_code
;GSVIDVSSQRVNVQRPLDALGNSLNSPVIIKLKGDREFRGVLKSFDLHMNLVLNDAEELEDGEVTRRLGTVLIRGDNIVY
ISP
;
_entity_poly.pdbx_strand_id   A,B,C,D,E,F,G
#
# COMPACT_ATOMS: atom_id res chain seq x y z
N ARG A 10 -29.90 3.55 -12.87
CA ARG A 10 -29.98 3.20 -11.42
C ARG A 10 -29.00 3.95 -10.49
N VAL A 11 -27.92 4.48 -11.06
CA VAL A 11 -27.02 5.37 -10.28
C VAL A 11 -26.64 6.59 -11.08
N ASN A 12 -26.45 7.68 -10.37
CA ASN A 12 -25.91 8.92 -11.02
C ASN A 12 -24.52 8.55 -11.69
N VAL A 13 -24.25 9.07 -12.89
CA VAL A 13 -22.99 8.75 -13.58
C VAL A 13 -21.73 9.22 -12.86
N GLN A 14 -21.89 10.04 -11.81
CA GLN A 14 -20.75 10.55 -11.08
C GLN A 14 -20.68 10.03 -9.66
N ARG A 15 -21.64 9.15 -9.29
CA ARG A 15 -21.72 8.67 -7.91
C ARG A 15 -21.76 7.12 -7.86
N PRO A 16 -20.69 6.47 -8.24
CA PRO A 16 -20.70 5.01 -8.24
C PRO A 16 -21.07 4.33 -6.89
N LEU A 17 -20.59 4.88 -5.80
CA LEU A 17 -20.85 4.33 -4.52
C LEU A 17 -22.37 4.34 -4.18
N ASP A 18 -23.24 5.14 -4.86
CA ASP A 18 -24.68 5.05 -4.65
C ASP A 18 -25.21 3.65 -4.99
N ALA A 19 -24.43 2.87 -5.70
CA ALA A 19 -24.83 1.46 -5.93
C ALA A 19 -24.96 0.71 -4.57
N LEU A 20 -24.23 1.17 -3.55
CA LEU A 20 -24.33 0.50 -2.24
C LEU A 20 -25.63 0.87 -1.60
N GLY A 21 -26.01 2.16 -1.72
CA GLY A 21 -27.23 2.62 -1.14
C GLY A 21 -28.36 1.84 -1.75
N ASN A 22 -28.24 1.58 -3.05
CA ASN A 22 -29.33 0.90 -3.70
C ASN A 22 -29.50 -0.55 -3.18
N SER A 23 -28.45 -1.13 -2.56
CA SER A 23 -28.45 -2.54 -2.08
C SER A 23 -28.74 -2.66 -0.59
N LEU A 24 -28.89 -1.53 0.09
CA LEU A 24 -29.19 -1.59 1.55
C LEU A 24 -30.38 -2.50 1.90
N ASN A 25 -30.18 -3.34 2.90
CA ASN A 25 -31.20 -4.31 3.34
C ASN A 25 -31.56 -5.39 2.33
N SER A 26 -30.65 -5.66 1.41
CA SER A 26 -30.83 -6.68 0.39
C SER A 26 -29.59 -7.58 0.35
N PRO A 27 -29.70 -8.74 -0.26
CA PRO A 27 -28.54 -9.63 -0.39
C PRO A 27 -27.49 -9.03 -1.30
N VAL A 28 -26.21 -9.18 -0.95
CA VAL A 28 -25.15 -8.75 -1.86
C VAL A 28 -24.06 -9.81 -1.90
N ILE A 29 -23.14 -9.66 -2.86
CA ILE A 29 -22.00 -10.57 -2.99
C ILE A 29 -20.78 -9.68 -2.87
N ILE A 30 -19.85 -10.02 -1.97
CA ILE A 30 -18.63 -9.17 -1.77
C ILE A 30 -17.46 -10.05 -2.13
N LYS A 31 -16.60 -9.60 -3.06
CA LYS A 31 -15.44 -10.38 -3.43
C LYS A 31 -14.23 -9.67 -2.83
N LEU A 32 -13.43 -10.39 -2.06
CA LEU A 32 -12.28 -9.73 -1.49
C LEU A 32 -11.01 -10.11 -2.17
N LYS A 33 -9.96 -9.36 -1.82
CA LYS A 33 -8.62 -9.75 -2.23
C LYS A 33 -8.27 -11.18 -1.75
N GLY A 34 -7.56 -11.91 -2.60
CA GLY A 34 -7.15 -13.25 -2.27
C GLY A 34 -8.30 -14.18 -2.57
N ASP A 35 -9.24 -13.68 -3.36
CA ASP A 35 -10.30 -14.54 -3.87
C ASP A 35 -11.33 -15.01 -2.84
N ARG A 36 -11.46 -14.31 -1.73
CA ARG A 36 -12.47 -14.72 -0.77
C ARG A 36 -13.82 -14.10 -1.20
N GLU A 37 -14.89 -14.87 -1.03
CA GLU A 37 -16.22 -14.39 -1.33
C GLU A 37 -17.18 -14.48 -0.11
N PHE A 38 -17.89 -13.39 0.13
CA PHE A 38 -18.92 -13.33 1.17
C PHE A 38 -20.28 -12.95 0.61
N ARG A 39 -21.31 -13.59 1.11
CA ARG A 39 -22.68 -13.26 0.72
C ARG A 39 -23.45 -13.00 1.99
N GLY A 40 -24.26 -11.95 1.99
CA GLY A 40 -25.11 -11.64 3.14
C GLY A 40 -25.98 -10.42 2.85
N VAL A 41 -26.72 -9.96 3.85
CA VAL A 41 -27.60 -8.82 3.67
C VAL A 41 -26.90 -7.54 4.07
N LEU A 42 -26.83 -6.59 3.16
CA LEU A 42 -26.09 -5.35 3.46
C LEU A 42 -26.84 -4.49 4.48
N LYS A 43 -26.18 -4.18 5.58
CA LYS A 43 -26.84 -3.38 6.64
C LYS A 43 -26.38 -1.95 6.75
N SER A 44 -25.13 -1.66 6.42
CA SER A 44 -24.61 -0.31 6.52
C SER A 44 -23.31 -0.27 5.77
N PHE A 45 -22.84 0.93 5.48
CA PHE A 45 -21.59 1.12 4.75
C PHE A 45 -21.17 2.58 4.90
N ASP A 46 -19.89 2.90 4.66
CA ASP A 46 -19.35 4.28 4.69
C ASP A 46 -18.57 4.59 3.40
N LEU A 47 -18.11 5.83 3.20
CA LEU A 47 -17.41 6.15 1.95
C LEU A 47 -16.20 5.26 1.71
N HIS A 48 -15.64 4.67 2.76
CA HIS A 48 -14.46 3.82 2.58
C HIS A 48 -14.80 2.44 2.12
N MET A 49 -16.09 2.17 1.95
CA MET A 49 -16.60 0.84 1.67
C MET A 49 -16.44 -0.15 2.84
N ASN A 50 -16.15 0.33 4.06
CA ASN A 50 -16.30 -0.56 5.20
C ASN A 50 -17.80 -0.91 5.21
N LEU A 51 -18.17 -2.13 5.54
CA LEU A 51 -19.58 -2.51 5.44
C LEU A 51 -19.94 -3.60 6.42
N VAL A 52 -21.22 -3.63 6.79
CA VAL A 52 -21.70 -4.68 7.65
C VAL A 52 -22.69 -5.59 6.92
N LEU A 53 -22.50 -6.89 7.02
CA LEU A 53 -23.49 -7.78 6.49
C LEU A 53 -24.13 -8.46 7.68
N ASN A 54 -25.41 -8.82 7.55
CA ASN A 54 -26.02 -9.79 8.46
C ASN A 54 -26.26 -11.12 7.74
N ASP A 55 -26.39 -12.23 8.49
CA ASP A 55 -26.57 -13.56 7.94
C ASP A 55 -25.53 -13.92 6.91
N ALA A 56 -24.29 -13.56 7.17
CA ALA A 56 -23.27 -13.78 6.17
C ALA A 56 -22.70 -15.17 6.10
N GLU A 57 -22.31 -15.53 4.88
CA GLU A 57 -21.71 -16.85 4.63
C GLU A 57 -20.48 -16.61 3.78
N GLU A 58 -19.46 -17.43 3.99
CA GLU A 58 -18.33 -17.32 3.13
C GLU A 58 -18.41 -18.44 2.17
N LEU A 59 -18.13 -18.12 0.91
CA LEU A 59 -18.11 -19.10 -0.14
C LEU A 59 -16.72 -19.40 -0.68
N GLU A 60 -16.51 -20.68 -1.00
CA GLU A 60 -15.33 -21.17 -1.72
C GLU A 60 -15.80 -22.29 -2.64
N ASP A 61 -15.46 -22.18 -3.93
CA ASP A 61 -15.87 -23.17 -4.91
C ASP A 61 -17.40 -23.41 -4.86
N GLY A 62 -18.19 -22.34 -4.81
CA GLY A 62 -19.65 -22.47 -4.78
C GLY A 62 -20.21 -23.09 -3.52
N GLU A 63 -19.48 -23.00 -2.43
CA GLU A 63 -20.01 -23.59 -1.23
C GLU A 63 -19.64 -22.84 0.02
N VAL A 64 -20.56 -22.86 0.98
CA VAL A 64 -20.43 -22.16 2.23
C VAL A 64 -19.42 -22.85 3.12
N THR A 65 -18.26 -22.23 3.31
CA THR A 65 -17.24 -22.82 4.16
C THR A 65 -17.38 -22.34 5.60
N ARG A 66 -18.23 -21.34 5.82
CA ARG A 66 -18.35 -20.74 7.12
C ARG A 66 -19.59 -19.84 7.21
N ARG A 67 -20.31 -19.95 8.31
CA ARG A 67 -21.45 -19.08 8.54
C ARG A 67 -20.97 -18.04 9.53
N LEU A 68 -21.05 -16.76 9.22
CA LEU A 68 -20.46 -15.76 10.13
C LEU A 68 -21.48 -14.98 10.94
N GLY A 69 -22.74 -14.98 10.52
CA GLY A 69 -23.72 -14.15 11.20
C GLY A 69 -23.43 -12.69 10.80
N THR A 70 -23.34 -11.80 11.77
CA THR A 70 -23.06 -10.39 11.49
C THR A 70 -21.57 -10.21 11.30
N VAL A 71 -21.16 -9.48 10.26
CA VAL A 71 -19.72 -9.28 10.06
C VAL A 71 -19.45 -7.90 9.54
N LEU A 72 -18.39 -7.27 10.05
CA LEU A 72 -17.95 -5.94 9.56
C LEU A 72 -16.71 -6.20 8.65
N ILE A 73 -16.81 -5.88 7.34
CA ILE A 73 -15.72 -6.06 6.38
C ILE A 73 -15.03 -4.70 6.12
N ARG A 74 -13.69 -4.64 6.26
CA ARG A 74 -12.96 -3.40 5.99
C ARG A 74 -12.92 -3.14 4.46
N GLY A 75 -13.26 -1.91 4.01
CA GLY A 75 -13.31 -1.59 2.58
C GLY A 75 -12.04 -1.80 1.78
N ASP A 76 -10.91 -1.64 2.45
CA ASP A 76 -9.63 -1.67 1.75
C ASP A 76 -9.33 -3.02 1.12
N ASN A 77 -10.01 -4.07 1.58
CA ASN A 77 -9.80 -5.44 1.10
C ASN A 77 -10.78 -5.82 -0.03
N ILE A 78 -11.72 -4.92 -0.32
CA ILE A 78 -12.77 -5.30 -1.30
C ILE A 78 -12.34 -5.12 -2.74
N VAL A 79 -12.61 -6.13 -3.57
CA VAL A 79 -12.46 -6.02 -5.00
C VAL A 79 -13.75 -5.51 -5.67
N TYR A 80 -14.88 -6.15 -5.41
CA TYR A 80 -16.13 -5.70 -6.03
C TYR A 80 -17.28 -6.11 -5.19
N ILE A 81 -18.38 -5.38 -5.39
CA ILE A 81 -19.62 -5.70 -4.72
C ILE A 81 -20.73 -5.79 -5.72
N SER A 82 -21.58 -6.79 -5.63
CA SER A 82 -22.74 -6.79 -6.52
C SER A 82 -24.02 -7.28 -5.83
N PRO A 83 -25.22 -6.91 -6.34
CA PRO A 83 -26.49 -7.53 -5.88
C PRO A 83 -26.61 -8.95 -6.44
N ARG B 10 -9.76 14.48 -28.55
CA ARG B 10 -10.90 13.96 -27.79
C ARG B 10 -10.80 14.03 -26.26
N VAL B 11 -9.61 13.81 -25.70
CA VAL B 11 -9.45 13.92 -24.25
C VAL B 11 -8.63 15.18 -23.93
N ASN B 12 -9.06 16.01 -22.98
CA ASN B 12 -8.25 17.21 -22.63
C ASN B 12 -6.89 16.66 -22.13
N VAL B 13 -5.79 17.31 -22.49
CA VAL B 13 -4.46 16.80 -22.10
C VAL B 13 -4.16 16.73 -20.59
N GLN B 14 -4.97 17.41 -19.77
CA GLN B 14 -4.72 17.38 -18.34
C GLN B 14 -5.87 16.71 -17.63
N ARG B 15 -6.78 16.06 -18.37
CA ARG B 15 -7.85 15.40 -17.66
C ARG B 15 -8.00 13.97 -18.17
N PRO B 16 -7.14 13.04 -17.74
CA PRO B 16 -7.23 11.66 -18.28
C PRO B 16 -8.54 10.94 -17.95
N LEU B 17 -9.20 11.39 -16.89
CA LEU B 17 -10.43 10.70 -16.54
C LEU B 17 -11.55 11.02 -17.53
N ASP B 18 -11.27 11.99 -18.40
CA ASP B 18 -12.23 12.26 -19.43
C ASP B 18 -12.30 11.07 -20.37
N ALA B 19 -11.31 10.19 -20.38
CA ALA B 19 -11.46 8.96 -21.18
C ALA B 19 -12.62 8.13 -20.67
N LEU B 20 -12.92 8.22 -19.36
CA LEU B 20 -14.02 7.43 -18.80
C LEU B 20 -15.32 8.16 -19.14
N GLY B 21 -15.30 9.49 -19.04
CA GLY B 21 -16.46 10.33 -19.30
C GLY B 21 -16.93 10.01 -20.76
N ASN B 22 -15.95 9.93 -21.67
CA ASN B 22 -16.21 9.63 -23.07
C ASN B 22 -16.79 8.26 -23.32
N SER B 23 -16.72 7.43 -22.31
CA SER B 23 -17.18 6.08 -22.54
C SER B 23 -18.36 5.65 -21.74
N LEU B 24 -19.01 6.62 -21.07
CA LEU B 24 -20.28 6.27 -20.39
C LEU B 24 -21.24 5.52 -21.40
N ASN B 25 -21.85 4.44 -20.94
CA ASN B 25 -22.77 3.56 -21.70
C ASN B 25 -22.12 2.82 -22.86
N SER B 26 -20.81 2.69 -22.78
CA SER B 26 -20.10 1.97 -23.81
C SER B 26 -19.37 0.82 -23.10
N PRO B 27 -19.09 -0.24 -23.85
CA PRO B 27 -18.36 -1.38 -23.29
C PRO B 27 -16.93 -0.99 -22.96
N VAL B 28 -16.42 -1.47 -21.84
CA VAL B 28 -15.05 -1.22 -21.50
C VAL B 28 -14.44 -2.51 -20.96
N ILE B 29 -13.09 -2.54 -20.94
CA ILE B 29 -12.39 -3.65 -20.35
C ILE B 29 -11.65 -3.09 -19.12
N ILE B 30 -11.73 -3.82 -18.01
CA ILE B 30 -11.02 -3.43 -16.80
C ILE B 30 -10.02 -4.53 -16.42
N LYS B 31 -8.73 -4.17 -16.26
CA LYS B 31 -7.73 -5.10 -15.77
C LYS B 31 -7.38 -4.79 -14.32
N LEU B 32 -7.54 -5.76 -13.44
CA LEU B 32 -7.31 -5.57 -12.03
C LEU B 32 -5.94 -6.09 -11.59
N LYS B 33 -5.48 -5.64 -10.43
CA LYS B 33 -4.21 -6.13 -9.86
C LYS B 33 -4.41 -7.60 -9.54
N GLY B 34 -3.43 -8.42 -9.87
CA GLY B 34 -3.54 -9.86 -9.63
C GLY B 34 -4.13 -10.51 -10.87
N ASP B 35 -4.31 -9.66 -11.88
CA ASP B 35 -4.68 -10.03 -13.25
C ASP B 35 -6.14 -10.35 -13.59
N ARG B 36 -7.04 -10.21 -12.63
CA ARG B 36 -8.42 -10.55 -12.90
C ARG B 36 -8.90 -9.51 -13.94
N GLU B 37 -9.89 -9.86 -14.76
CA GLU B 37 -10.36 -8.98 -15.86
C GLU B 37 -11.87 -8.97 -15.97
N PHE B 38 -12.43 -7.80 -16.14
CA PHE B 38 -13.85 -7.61 -16.40
C PHE B 38 -14.14 -6.88 -17.66
N ARG B 39 -15.27 -7.28 -18.26
CA ARG B 39 -15.79 -6.58 -19.45
C ARG B 39 -17.23 -6.20 -19.08
N GLY B 40 -17.65 -4.99 -19.41
CA GLY B 40 -19.05 -4.67 -19.18
C GLY B 40 -19.32 -3.24 -19.66
N VAL B 41 -20.51 -2.74 -19.40
CA VAL B 41 -20.90 -1.42 -19.86
C VAL B 41 -20.71 -0.38 -18.75
N LEU B 42 -19.91 0.65 -19.02
CA LEU B 42 -19.58 1.58 -17.98
C LEU B 42 -20.78 2.47 -17.66
N LYS B 43 -21.19 2.55 -16.38
CA LYS B 43 -22.40 3.30 -16.04
C LYS B 43 -22.08 4.42 -15.14
N SER B 44 -20.95 4.36 -14.42
CA SER B 44 -20.69 5.39 -13.45
C SER B 44 -19.26 5.29 -13.03
N PHE B 45 -18.69 6.40 -12.61
CA PHE B 45 -17.30 6.41 -12.12
C PHE B 45 -17.05 7.72 -11.34
N ASP B 46 -16.03 7.64 -10.50
CA ASP B 46 -15.58 8.77 -9.69
C ASP B 46 -14.09 9.05 -9.85
N LEU B 47 -13.58 10.07 -9.14
CA LEU B 47 -12.19 10.40 -9.35
C LEU B 47 -11.18 9.32 -8.85
N HIS B 48 -11.64 8.43 -7.96
CA HIS B 48 -10.81 7.33 -7.48
C HIS B 48 -10.82 6.22 -8.47
N MET B 49 -11.58 6.35 -9.55
CA MET B 49 -11.85 5.22 -10.44
C MET B 49 -12.65 4.08 -9.88
N ASN B 50 -13.39 4.33 -8.80
CA ASN B 50 -14.46 3.40 -8.47
C ASN B 50 -15.40 3.51 -9.61
N LEU B 51 -15.92 2.38 -10.01
CA LEU B 51 -16.85 2.38 -11.15
C LEU B 51 -17.93 1.36 -11.06
N VAL B 52 -19.03 1.61 -11.81
CA VAL B 52 -20.13 0.62 -11.89
C VAL B 52 -20.19 0.14 -13.31
N LEU B 53 -20.24 -1.18 -13.50
CA LEU B 53 -20.46 -1.80 -14.80
C LEU B 53 -21.83 -2.52 -14.78
N ASN B 54 -22.51 -2.49 -15.92
CA ASN B 54 -23.72 -3.32 -16.09
C ASN B 54 -23.36 -4.34 -17.12
N ASP B 55 -24.03 -5.49 -17.04
CA ASP B 55 -23.81 -6.61 -17.99
C ASP B 55 -22.37 -7.00 -18.00
N ALA B 56 -21.83 -7.18 -16.82
CA ALA B 56 -20.44 -7.48 -16.58
C ALA B 56 -20.05 -8.96 -16.75
N GLU B 57 -18.86 -9.20 -17.25
CA GLU B 57 -18.38 -10.57 -17.40
C GLU B 57 -17.02 -10.57 -16.72
N GLU B 58 -16.74 -11.58 -15.90
CA GLU B 58 -15.35 -11.83 -15.48
C GLU B 58 -14.70 -12.83 -16.49
N LEU B 59 -13.49 -12.51 -16.97
CA LEU B 59 -12.74 -13.35 -17.98
C LEU B 59 -11.47 -13.97 -17.35
N GLU B 60 -10.90 -15.00 -18.01
CA GLU B 60 -9.70 -15.70 -17.44
C GLU B 60 -8.76 -16.35 -18.50
N ASP B 61 -9.29 -16.70 -19.66
CA ASP B 61 -8.50 -17.30 -20.77
C ASP B 61 -9.28 -17.16 -22.06
N GLY B 62 -10.00 -16.07 -22.05
CA GLY B 62 -10.91 -15.70 -23.11
C GLY B 62 -12.28 -16.27 -22.77
N GLU B 63 -12.29 -16.89 -21.59
CA GLU B 63 -13.47 -17.57 -21.06
C GLU B 63 -14.14 -16.77 -19.94
N VAL B 64 -15.42 -16.57 -20.14
CA VAL B 64 -16.28 -15.89 -19.18
C VAL B 64 -16.47 -16.82 -17.97
N THR B 65 -15.90 -16.47 -16.82
CA THR B 65 -16.11 -17.25 -15.58
C THR B 65 -17.28 -16.82 -14.65
N ARG B 66 -17.90 -15.71 -14.91
CA ARG B 66 -19.01 -15.24 -14.08
C ARG B 66 -19.64 -14.08 -14.83
N ARG B 67 -20.96 -13.97 -14.73
CA ARG B 67 -21.70 -12.83 -15.23
C ARG B 67 -22.42 -12.16 -14.07
N LEU B 68 -22.40 -10.85 -14.07
CA LEU B 68 -23.09 -10.10 -13.03
C LEU B 68 -23.88 -8.96 -13.67
N GLY B 69 -25.17 -8.82 -13.34
CA GLY B 69 -25.92 -7.78 -14.02
C GLY B 69 -25.47 -6.38 -13.69
N THR B 70 -25.04 -6.16 -12.45
CA THR B 70 -24.37 -4.90 -12.13
C THR B 70 -23.31 -5.13 -11.06
N VAL B 71 -22.23 -4.37 -11.14
CA VAL B 71 -21.16 -4.61 -10.20
C VAL B 71 -20.48 -3.26 -9.93
N LEU B 72 -20.05 -3.07 -8.69
CA LEU B 72 -19.30 -1.85 -8.29
C LEU B 72 -17.86 -2.28 -8.05
N ILE B 73 -16.89 -1.73 -8.79
CA ILE B 73 -15.47 -2.15 -8.67
C ILE B 73 -14.72 -1.09 -7.97
N ARG B 74 -13.96 -1.45 -6.96
CA ARG B 74 -13.16 -0.44 -6.25
C ARG B 74 -11.91 -0.05 -7.03
N GLY B 75 -11.75 1.26 -7.20
CA GLY B 75 -10.73 1.81 -8.06
C GLY B 75 -9.30 1.47 -7.66
N ASP B 76 -9.06 1.31 -6.34
CA ASP B 76 -7.69 1.10 -5.89
C ASP B 76 -7.06 -0.15 -6.44
N ASN B 77 -7.87 -1.11 -6.87
CA ASN B 77 -7.37 -2.36 -7.43
C ASN B 77 -7.27 -2.33 -8.92
N ILE B 78 -7.48 -1.18 -9.58
CA ILE B 78 -7.47 -1.20 -11.03
C ILE B 78 -6.07 -0.96 -11.53
N VAL B 79 -5.65 -1.73 -12.53
CA VAL B 79 -4.37 -1.48 -13.29
C VAL B 79 -4.67 -0.48 -14.44
N TYR B 80 -5.60 -0.87 -15.29
CA TYR B 80 -5.99 0.01 -16.41
C TYR B 80 -7.42 -0.25 -16.85
N ILE B 81 -7.91 0.66 -17.68
CA ILE B 81 -9.27 0.61 -18.25
C ILE B 81 -9.20 0.95 -19.72
N SER B 82 -9.78 0.09 -20.57
CA SER B 82 -9.64 0.36 -21.98
C SER B 82 -11.06 0.45 -22.55
N PRO B 83 -11.45 1.62 -22.95
CA PRO B 83 -12.69 1.71 -23.74
C PRO B 83 -12.36 1.37 -25.20
N ARG C 10 15.01 22.10 -20.07
CA ARG C 10 14.12 21.15 -20.81
C ARG C 10 13.01 20.67 -19.90
N VAL C 11 13.33 20.53 -18.62
CA VAL C 11 12.32 20.17 -17.64
C VAL C 11 12.65 21.08 -16.49
N ASN C 12 11.67 21.77 -15.93
CA ASN C 12 12.00 22.65 -14.83
C ASN C 12 12.45 21.74 -13.68
N VAL C 13 13.46 22.18 -12.94
CA VAL C 13 14.03 21.36 -11.86
C VAL C 13 13.10 20.99 -10.68
N GLN C 14 11.94 21.63 -10.62
CA GLN C 14 11.01 21.35 -9.53
C GLN C 14 9.74 20.72 -10.05
N ARG C 15 9.67 20.51 -11.38
CA ARG C 15 8.55 19.85 -12.06
C ARG C 15 8.90 18.66 -12.96
N PRO C 16 9.12 17.48 -12.38
CA PRO C 16 9.38 16.27 -13.13
C PRO C 16 8.25 15.88 -14.07
N LEU C 17 7.00 16.21 -13.71
CA LEU C 17 5.82 15.84 -14.49
C LEU C 17 5.79 16.59 -15.82
N ASP C 18 6.69 17.56 -15.95
CA ASP C 18 6.85 18.38 -17.18
C ASP C 18 7.44 17.51 -18.28
N ALA C 19 8.10 16.45 -17.87
CA ALA C 19 8.66 15.49 -18.82
C ALA C 19 7.51 14.82 -19.56
N LEU C 20 6.36 14.70 -18.91
CA LEU C 20 5.19 14.09 -19.55
C LEU C 20 4.66 15.08 -20.57
N GLY C 21 4.53 16.35 -20.14
CA GLY C 21 4.00 17.39 -20.98
C GLY C 21 4.83 17.53 -22.24
N ASN C 22 6.17 17.40 -22.09
CA ASN C 22 7.04 17.59 -23.23
C ASN C 22 6.85 16.54 -24.29
N SER C 23 6.33 15.41 -23.87
CA SER C 23 6.13 14.31 -24.81
C SER C 23 4.66 14.02 -25.21
N LEU C 24 3.74 14.94 -24.94
CA LEU C 24 2.33 14.75 -25.37
C LEU C 24 2.23 14.44 -26.89
N ASN C 25 1.33 13.49 -27.27
CA ASN C 25 1.11 13.18 -28.66
C ASN C 25 2.33 12.61 -29.35
N SER C 26 3.16 11.91 -28.57
CA SER C 26 4.28 11.18 -29.20
C SER C 26 4.37 9.83 -28.49
N PRO C 27 5.10 8.89 -29.05
CA PRO C 27 5.24 7.56 -28.45
C PRO C 27 6.01 7.51 -27.13
N VAL C 28 5.50 6.87 -26.12
CA VAL C 28 6.25 6.71 -24.88
C VAL C 28 6.22 5.25 -24.40
N ILE C 29 7.09 4.96 -23.45
CA ILE C 29 7.15 3.59 -22.84
C ILE C 29 6.71 3.77 -21.38
N ILE C 30 5.76 2.93 -20.90
CA ILE C 30 5.26 3.03 -19.51
C ILE C 30 5.60 1.69 -18.85
N LYS C 31 6.54 1.69 -17.90
CA LYS C 31 6.83 0.46 -17.16
C LYS C 31 5.97 0.43 -15.91
N LEU C 32 5.15 -0.63 -15.81
CA LEU C 32 4.28 -0.83 -14.67
C LEU C 32 4.89 -1.83 -13.73
N LYS C 33 4.31 -1.95 -12.53
CA LYS C 33 4.78 -2.95 -11.58
C LYS C 33 4.55 -4.36 -12.12
N GLY C 34 5.39 -5.30 -11.70
CA GLY C 34 5.23 -6.69 -12.08
C GLY C 34 5.52 -7.02 -13.54
N ASP C 35 6.50 -6.36 -14.09
CA ASP C 35 6.92 -6.68 -15.45
C ASP C 35 5.89 -6.48 -16.55
N ARG C 36 4.88 -5.71 -16.29
CA ARG C 36 3.98 -5.33 -17.34
C ARG C 36 4.54 -4.03 -17.92
N GLU C 37 4.27 -3.78 -19.19
CA GLU C 37 4.68 -2.49 -19.85
C GLU C 37 3.69 -2.17 -20.96
N PHE C 38 3.54 -0.86 -21.21
CA PHE C 38 2.77 -0.35 -22.35
C PHE C 38 3.61 0.56 -23.19
N ARG C 39 3.34 0.53 -24.48
CA ARG C 39 4.02 1.38 -25.43
C ARG C 39 2.91 1.95 -26.26
N GLY C 40 2.82 3.28 -26.32
CA GLY C 40 1.78 3.86 -27.13
C GLY C 40 1.86 5.39 -27.10
N VAL C 41 0.98 6.08 -27.79
CA VAL C 41 1.01 7.52 -27.89
C VAL C 41 0.35 8.22 -26.70
N LEU C 42 1.14 9.00 -26.00
CA LEU C 42 0.61 9.71 -24.82
C LEU C 42 -0.41 10.80 -25.20
N LYS C 43 -1.59 10.76 -24.59
CA LYS C 43 -2.68 11.66 -24.91
C LYS C 43 -3.04 12.55 -23.76
N SER C 44 -2.82 12.15 -22.52
CA SER C 44 -3.25 13.01 -21.44
C SER C 44 -2.59 12.50 -20.15
N PHE C 45 -2.45 13.34 -19.14
CA PHE C 45 -1.95 12.86 -17.84
C PHE C 45 -2.35 13.82 -16.76
N ASP C 46 -2.42 13.35 -15.51
CA ASP C 46 -2.61 14.29 -14.41
C ASP C 46 -1.49 14.21 -13.39
N LEU C 47 -1.60 14.95 -12.29
CA LEU C 47 -0.51 14.98 -11.29
C LEU C 47 -0.30 13.71 -10.50
N HIS C 48 -1.26 12.79 -10.64
CA HIS C 48 -1.11 11.43 -10.08
C HIS C 48 -0.42 10.50 -11.01
N MET C 49 -0.12 10.94 -12.22
CA MET C 49 0.44 10.09 -13.28
C MET C 49 -0.57 9.11 -13.85
N ASN C 50 -1.85 9.38 -13.58
CA ASN C 50 -2.87 8.66 -14.37
C ASN C 50 -2.67 9.15 -15.79
N LEU C 51 -2.75 8.27 -16.79
CA LEU C 51 -2.53 8.79 -18.11
C LEU C 51 -3.28 7.98 -19.17
N VAL C 52 -3.48 8.60 -20.33
CA VAL C 52 -4.10 7.91 -21.45
C VAL C 52 -3.14 7.66 -22.59
N LEU C 53 -3.16 6.45 -23.14
CA LEU C 53 -2.36 6.20 -24.33
C LEU C 53 -3.35 5.87 -25.43
N ASN C 54 -2.98 6.22 -26.64
CA ASN C 54 -3.70 5.69 -27.84
C ASN C 54 -2.80 4.67 -28.61
N ASP C 55 -3.45 3.74 -29.28
CA ASP C 55 -2.79 2.75 -30.14
C ASP C 55 -1.60 2.17 -29.39
N ALA C 56 -1.92 1.52 -28.25
CA ALA C 56 -0.92 1.03 -27.35
C ALA C 56 -0.74 -0.51 -27.43
N GLU C 57 0.49 -1.00 -27.29
CA GLU C 57 0.67 -2.44 -27.16
C GLU C 57 0.93 -2.70 -25.67
N GLU C 58 0.29 -3.73 -25.14
CA GLU C 58 0.56 -4.22 -23.80
C GLU C 58 1.60 -5.31 -23.87
N LEU C 59 2.60 -5.32 -22.99
CA LEU C 59 3.59 -6.42 -23.00
C LEU C 59 3.72 -7.02 -21.60
N GLU C 60 4.01 -8.28 -21.54
CA GLU C 60 4.12 -8.92 -20.24
C GLU C 60 5.31 -9.85 -20.37
N ASP C 61 6.26 -9.72 -19.45
CA ASP C 61 7.48 -10.50 -19.58
C ASP C 61 8.19 -10.04 -20.85
N GLY C 62 7.89 -8.84 -21.34
CA GLY C 62 8.52 -8.38 -22.56
C GLY C 62 8.03 -9.04 -23.88
N GLU C 63 6.89 -9.75 -23.82
CA GLU C 63 6.20 -10.24 -25.02
C GLU C 63 4.92 -9.40 -25.19
N VAL C 64 4.56 -9.07 -26.43
CA VAL C 64 3.32 -8.32 -26.61
C VAL C 64 2.13 -9.26 -26.37
N THR C 65 1.19 -8.85 -25.50
CA THR C 65 0.00 -9.68 -25.33
C THR C 65 -1.25 -9.24 -26.12
N ARG C 66 -1.46 -7.91 -26.21
CA ARG C 66 -2.42 -7.30 -27.18
C ARG C 66 -2.23 -5.81 -27.50
N ARG C 67 -3.00 -5.31 -28.45
CA ARG C 67 -2.98 -3.87 -28.80
C ARG C 67 -4.30 -3.23 -28.40
N LEU C 68 -4.24 -2.06 -27.84
CA LEU C 68 -5.51 -1.45 -27.41
C LEU C 68 -5.63 -0.11 -28.06
N GLY C 69 -6.82 0.24 -28.56
CA GLY C 69 -6.98 1.52 -29.22
C GLY C 69 -6.79 2.70 -28.25
N THR C 70 -7.29 2.55 -27.05
CA THR C 70 -7.17 3.59 -26.00
C THR C 70 -7.04 2.84 -24.68
N VAL C 71 -6.21 3.36 -23.81
CA VAL C 71 -6.10 2.75 -22.48
C VAL C 71 -5.78 3.83 -21.48
N LEU C 72 -6.49 3.80 -20.36
CA LEU C 72 -6.27 4.74 -19.20
C LEU C 72 -5.54 3.85 -18.15
N ILE C 73 -4.34 4.29 -17.76
CA ILE C 73 -3.50 3.52 -16.83
C ILE C 73 -3.56 4.30 -15.54
N ARG C 74 -3.85 3.64 -14.42
CA ARG C 74 -3.81 4.37 -13.12
C ARG C 74 -2.38 4.50 -12.65
N GLY C 75 -2.04 5.72 -12.23
CA GLY C 75 -0.66 6.08 -11.96
C GLY C 75 0.03 5.28 -10.87
N ASP C 76 -0.73 4.81 -9.89
CA ASP C 76 -0.16 4.11 -8.73
C ASP C 76 0.51 2.84 -9.14
N ASN C 77 0.23 2.39 -10.34
CA ASN C 77 0.80 1.11 -10.86
C ASN C 77 2.08 1.37 -11.65
N ILE C 78 2.40 2.67 -11.91
CA ILE C 78 3.57 2.99 -12.78
C ILE C 78 4.91 3.00 -12.00
N VAL C 79 5.96 2.46 -12.62
CA VAL C 79 7.26 2.49 -12.07
C VAL C 79 8.05 3.64 -12.70
N TYR C 80 8.09 3.69 -14.03
CA TYR C 80 8.76 4.80 -14.75
C TYR C 80 8.19 5.00 -16.12
N ILE C 81 8.55 6.12 -16.72
CA ILE C 81 8.03 6.50 -18.04
C ILE C 81 9.19 7.04 -18.83
N SER C 82 9.31 6.61 -20.07
CA SER C 82 10.44 7.12 -20.85
C SER C 82 9.96 7.48 -22.25
N PRO C 83 10.32 8.64 -22.78
CA PRO C 83 9.84 9.03 -24.10
C PRO C 83 10.50 8.18 -25.18
N VAL D 11 22.65 20.29 3.60
CA VAL D 11 21.45 19.62 4.21
C VAL D 11 21.21 20.06 5.65
N ASN D 12 20.04 20.64 5.88
CA ASN D 12 19.59 21.04 7.21
C ASN D 12 19.18 19.75 7.92
N VAL D 13 19.35 19.69 9.24
CA VAL D 13 19.05 18.45 9.97
C VAL D 13 17.57 18.05 9.88
N GLN D 14 16.77 18.91 9.26
CA GLN D 14 15.35 18.67 9.15
C GLN D 14 14.93 18.55 7.70
N ARG D 15 15.88 18.58 6.76
CA ARG D 15 15.56 18.47 5.32
C ARG D 15 16.42 17.50 4.50
N PRO D 16 16.10 16.22 4.59
CA PRO D 16 16.74 15.17 3.80
C PRO D 16 16.70 15.43 2.32
N LEU D 17 15.62 16.03 1.82
CA LEU D 17 15.53 16.26 0.39
C LEU D 17 16.54 17.29 -0.11
N ASP D 18 17.18 18.01 0.80
CA ASP D 18 18.21 18.93 0.35
C ASP D 18 19.37 18.10 -0.23
N ALA D 19 19.45 16.82 0.12
CA ALA D 19 20.44 15.95 -0.51
C ALA D 19 20.17 15.81 -2.00
N LEU D 20 18.91 15.84 -2.41
CA LEU D 20 18.60 15.77 -3.83
C LEU D 20 19.01 17.05 -4.51
N GLY D 21 18.66 18.17 -3.90
CA GLY D 21 19.03 19.49 -4.39
C GLY D 21 20.54 19.61 -4.61
N ASN D 22 21.30 19.10 -3.66
CA ASN D 22 22.75 19.12 -3.75
C ASN D 22 23.27 18.33 -4.92
N SER D 23 22.45 17.38 -5.40
CA SER D 23 22.87 16.50 -6.46
C SER D 23 22.31 16.80 -7.85
N LEU D 24 21.60 17.91 -7.98
CA LEU D 24 21.07 18.26 -9.30
C LEU D 24 22.21 18.38 -10.31
N ASN D 25 22.01 17.84 -11.51
CA ASN D 25 22.98 17.92 -12.58
C ASN D 25 24.19 17.02 -12.36
N SER D 26 24.08 16.06 -11.44
CA SER D 26 25.21 15.17 -11.13
C SER D 26 24.72 13.72 -11.17
N PRO D 27 25.63 12.75 -11.39
CA PRO D 27 25.23 11.34 -11.48
C PRO D 27 24.69 10.84 -10.17
N VAL D 28 23.62 10.06 -10.20
CA VAL D 28 23.10 9.46 -8.99
C VAL D 28 22.76 8.01 -9.24
N ILE D 29 22.62 7.26 -8.15
CA ILE D 29 22.13 5.89 -8.21
C ILE D 29 20.75 5.81 -7.54
N ILE D 30 19.75 5.29 -8.26
CA ILE D 30 18.41 5.11 -7.68
C ILE D 30 18.11 3.61 -7.50
N LYS D 31 17.88 3.21 -6.26
CA LYS D 31 17.47 1.82 -5.99
C LYS D 31 15.97 1.72 -5.83
N LEU D 32 15.33 0.88 -6.64
CA LEU D 32 13.89 0.67 -6.58
C LEU D 32 13.53 -0.58 -5.81
N LYS D 33 12.27 -0.72 -5.43
CA LYS D 33 11.82 -1.95 -4.80
C LYS D 33 11.95 -3.01 -5.88
N GLY D 34 12.20 -4.24 -5.44
CA GLY D 34 12.31 -5.36 -6.34
C GLY D 34 13.67 -5.51 -7.00
N ASP D 35 14.65 -4.78 -6.48
CA ASP D 35 16.02 -4.99 -6.95
C ASP D 35 16.29 -4.49 -8.36
N ARG D 36 15.49 -3.51 -8.76
CA ARG D 36 15.72 -2.79 -9.99
C ARG D 36 16.59 -1.62 -9.57
N GLU D 37 17.49 -1.17 -10.45
CA GLU D 37 18.37 -0.07 -10.13
C GLU D 37 18.56 0.89 -11.31
N PHE D 38 18.64 2.19 -11.07
CA PHE D 38 18.91 3.11 -12.18
C PHE D 38 20.13 3.96 -11.86
N ARG D 39 20.90 4.30 -12.88
CA ARG D 39 22.00 5.25 -12.73
C ARG D 39 21.85 6.29 -13.83
N GLY D 40 22.06 7.55 -13.50
CA GLY D 40 21.92 8.59 -14.50
C GLY D 40 22.10 9.98 -13.89
N VAL D 41 21.90 11.02 -14.69
CA VAL D 41 22.11 12.38 -14.20
C VAL D 41 20.80 12.96 -13.74
N LEU D 42 20.78 13.43 -12.49
CA LEU D 42 19.57 13.95 -11.86
C LEU D 42 19.22 15.32 -12.44
N LYS D 43 18.02 15.42 -12.97
CA LYS D 43 17.64 16.65 -13.66
C LYS D 43 16.51 17.41 -12.99
N SER D 44 15.67 16.73 -12.21
CA SER D 44 14.53 17.40 -11.63
C SER D 44 13.95 16.51 -10.52
N PHE D 45 13.30 17.09 -9.53
CA PHE D 45 12.60 16.25 -8.54
C PHE D 45 11.54 17.06 -7.81
N ASP D 46 10.50 16.39 -7.27
CA ASP D 46 9.55 17.09 -6.42
C ASP D 46 9.61 16.50 -5.03
N LEU D 47 8.71 16.96 -4.18
CA LEU D 47 8.72 16.56 -2.79
C LEU D 47 8.32 15.12 -2.58
N HIS D 48 7.74 14.51 -3.61
CA HIS D 48 7.35 13.12 -3.53
C HIS D 48 8.48 12.24 -3.95
N MET D 49 9.58 12.86 -4.36
CA MET D 49 10.70 12.11 -4.88
C MET D 49 10.42 11.52 -6.26
N ASN D 50 9.35 11.98 -6.94
CA ASN D 50 9.33 11.76 -8.41
C ASN D 50 10.54 12.50 -8.94
N LEU D 51 11.22 11.92 -9.92
CA LEU D 51 12.41 12.52 -10.42
C LEU D 51 12.70 12.17 -11.87
N VAL D 52 13.48 13.02 -12.53
CA VAL D 52 13.88 12.76 -13.88
C VAL D 52 15.41 12.62 -13.94
N LEU D 53 15.85 11.55 -14.61
CA LEU D 53 17.26 11.34 -14.89
C LEU D 53 17.46 11.45 -16.40
N ASN D 54 18.60 11.96 -16.81
CA ASN D 54 19.02 11.96 -18.20
C ASN D 54 20.14 10.94 -18.35
N ASP D 55 20.31 10.44 -19.58
CA ASP D 55 21.34 9.44 -19.94
C ASP D 55 21.34 8.27 -18.97
N ALA D 56 20.15 7.72 -18.76
CA ALA D 56 19.92 6.66 -17.78
C ALA D 56 20.25 5.21 -18.22
N GLU D 57 20.63 4.37 -17.25
CA GLU D 57 20.85 2.94 -17.46
C GLU D 57 20.06 2.14 -16.41
N GLU D 58 19.30 1.13 -16.86
CA GLU D 58 18.54 0.25 -15.96
C GLU D 58 19.39 -0.98 -15.76
N LEU D 59 19.63 -1.38 -14.51
CA LEU D 59 20.55 -2.51 -14.27
C LEU D 59 19.96 -3.69 -13.51
N GLU D 60 20.64 -4.83 -13.62
CA GLU D 60 20.37 -6.08 -12.91
C GLU D 60 21.68 -6.82 -12.71
N ASP D 61 21.94 -7.33 -11.49
CA ASP D 61 23.18 -8.05 -11.20
C ASP D 61 24.42 -7.26 -11.63
N GLY D 62 24.35 -5.94 -11.46
CA GLY D 62 25.42 -5.05 -11.89
C GLY D 62 25.48 -5.06 -13.40
N GLU D 63 24.30 -5.23 -14.01
CA GLU D 63 24.24 -5.36 -15.45
C GLU D 63 23.17 -4.51 -16.15
N VAL D 64 23.62 -3.68 -17.07
CA VAL D 64 22.72 -2.87 -17.90
C VAL D 64 21.71 -3.73 -18.65
N THR D 65 20.42 -3.52 -18.38
CA THR D 65 19.36 -4.24 -19.09
C THR D 65 18.58 -3.33 -20.04
N ARG D 66 18.80 -2.03 -19.91
CA ARG D 66 18.10 -1.11 -20.77
C ARG D 66 18.82 0.24 -20.69
N ARG D 67 18.87 0.96 -21.80
CA ARG D 67 19.44 2.29 -21.81
C ARG D 67 18.41 3.32 -22.25
N LEU D 68 18.20 4.34 -21.41
CA LEU D 68 17.18 5.35 -21.64
C LEU D 68 17.75 6.76 -21.63
N GLY D 69 17.53 7.52 -22.70
CA GLY D 69 18.00 8.89 -22.82
C GLY D 69 17.42 9.81 -21.75
N THR D 70 16.18 9.58 -21.33
CA THR D 70 15.58 10.34 -20.25
C THR D 70 14.50 9.45 -19.65
N VAL D 71 14.35 9.52 -18.33
CA VAL D 71 13.36 8.70 -17.64
C VAL D 71 12.78 9.46 -16.45
N LEU D 72 11.47 9.34 -16.27
CA LEU D 72 10.75 9.85 -15.12
C LEU D 72 10.44 8.64 -14.25
N ILE D 73 10.96 8.68 -13.02
CA ILE D 73 10.76 7.64 -12.03
C ILE D 73 9.80 8.07 -10.96
N ARG D 74 8.75 7.25 -10.70
CA ARG D 74 7.80 7.63 -9.67
C ARG D 74 8.41 7.40 -8.29
N GLY D 75 8.41 8.45 -7.44
CA GLY D 75 8.99 8.33 -6.11
C GLY D 75 8.53 7.19 -5.22
N ASP D 76 7.27 6.80 -5.35
CA ASP D 76 6.72 5.75 -4.48
C ASP D 76 7.46 4.40 -4.57
N ASN D 77 8.14 4.15 -5.67
CA ASN D 77 8.86 2.91 -5.86
C ASN D 77 10.33 2.99 -5.49
N ILE D 78 10.76 4.13 -4.99
CA ILE D 78 12.15 4.27 -4.61
C ILE D 78 12.48 3.77 -3.17
N VAL D 79 13.60 3.07 -3.04
CA VAL D 79 14.10 2.64 -1.76
C VAL D 79 15.15 3.63 -1.26
N TYR D 80 16.11 3.91 -2.12
CA TYR D 80 17.14 4.91 -1.82
C TYR D 80 17.70 5.61 -3.05
N ILE D 81 18.30 6.77 -2.81
CA ILE D 81 18.95 7.56 -3.85
C ILE D 81 20.36 7.81 -3.38
N SER D 82 21.34 7.51 -4.21
CA SER D 82 22.70 7.72 -3.73
C SER D 82 23.55 8.53 -4.67
N PRO D 83 23.81 9.79 -4.32
CA PRO D 83 24.79 10.58 -5.07
C PRO D 83 26.16 10.01 -4.82
N VAL E 11 13.68 10.36 26.39
CA VAL E 11 12.79 10.71 25.25
C VAL E 11 11.36 11.03 25.70
N ASN E 12 10.81 12.09 25.11
CA ASN E 12 9.43 12.48 25.38
C ASN E 12 8.51 11.34 24.97
N VAL E 13 7.71 10.88 25.92
CA VAL E 13 6.80 9.75 25.73
C VAL E 13 5.77 9.96 24.64
N GLN E 14 5.77 11.13 24.01
CA GLN E 14 4.82 11.45 22.94
C GLN E 14 5.58 11.76 21.67
N ARG E 15 6.91 11.68 21.72
CA ARG E 15 7.74 11.98 20.56
C ARG E 15 8.82 10.94 20.32
N PRO E 16 8.45 9.81 19.71
CA PRO E 16 9.42 8.73 19.43
C PRO E 16 10.49 9.16 18.44
N LEU E 17 10.17 10.11 17.58
CA LEU E 17 11.17 10.55 16.62
C LEU E 17 12.26 11.38 17.33
N ASP E 18 12.00 11.74 18.58
CA ASP E 18 13.06 12.39 19.31
C ASP E 18 14.24 11.41 19.45
N ALA E 19 13.98 10.11 19.28
CA ALA E 19 15.06 9.13 19.27
C ALA E 19 16.00 9.38 18.07
N LEU E 20 15.45 9.87 16.97
CA LEU E 20 16.26 10.19 15.82
C LEU E 20 17.06 11.44 16.14
N GLY E 21 16.37 12.45 16.65
CA GLY E 21 17.04 13.69 17.03
C GLY E 21 18.23 13.41 17.91
N ASN E 22 18.05 12.48 18.84
CA ASN E 22 19.11 12.17 19.79
C ASN E 22 20.34 11.55 19.12
N SER E 23 20.19 11.06 17.89
CA SER E 23 21.30 10.38 17.21
C SER E 23 21.87 11.14 16.00
N LEU E 24 21.53 12.41 15.89
CA LEU E 24 22.07 13.26 14.82
C LEU E 24 23.60 13.28 14.89
N ASN E 25 24.23 12.82 13.82
CA ASN E 25 25.69 12.73 13.67
C ASN E 25 26.33 11.53 14.39
N SER E 26 25.51 10.53 14.71
CA SER E 26 25.95 9.31 15.35
C SER E 26 25.69 8.12 14.44
N PRO E 27 26.43 7.03 14.60
CA PRO E 27 26.19 5.83 13.76
C PRO E 27 24.84 5.21 14.11
N VAL E 28 24.10 4.80 13.08
CA VAL E 28 22.83 4.13 13.30
C VAL E 28 22.73 2.92 12.41
N ILE E 29 21.74 2.08 12.71
CA ILE E 29 21.44 0.92 11.90
C ILE E 29 20.01 1.07 11.40
N ILE E 30 19.82 0.98 10.09
CA ILE E 30 18.48 1.07 9.47
C ILE E 30 18.08 -0.29 8.90
N LYS E 31 16.94 -0.82 9.29
CA LYS E 31 16.47 -2.10 8.74
C LYS E 31 15.28 -1.82 7.81
N LEU E 32 15.35 -2.28 6.56
CA LEU E 32 14.26 -2.07 5.60
C LEU E 32 13.43 -3.31 5.32
N LYS E 33 12.29 -3.12 4.66
CA LYS E 33 11.45 -4.24 4.33
C LYS E 33 12.20 -5.09 3.33
N GLY E 34 11.88 -6.37 3.27
CA GLY E 34 12.58 -7.24 2.35
C GLY E 34 14.00 -7.49 2.79
N ASP E 35 14.27 -7.19 4.06
CA ASP E 35 15.55 -7.52 4.68
C ASP E 35 16.82 -6.84 4.17
N ARG E 36 16.76 -5.55 3.92
CA ARG E 36 17.96 -4.86 3.55
C ARG E 36 18.33 -4.19 4.82
N GLU E 37 19.61 -3.88 5.00
CA GLU E 37 20.04 -3.22 6.20
C GLU E 37 21.12 -2.23 5.88
N PHE E 38 21.08 -1.05 6.49
CA PHE E 38 22.15 -0.10 6.28
C PHE E 38 22.73 0.41 7.59
N ARG E 39 24.02 0.70 7.56
CA ARG E 39 24.71 1.32 8.66
C ARG E 39 25.38 2.59 8.16
N GLY E 40 25.26 3.68 8.92
CA GLY E 40 25.94 4.91 8.54
C GLY E 40 25.69 6.02 9.56
N VAL E 41 26.20 7.20 9.27
CA VAL E 41 26.05 8.31 10.20
C VAL E 41 24.83 9.12 9.85
N LEU E 42 23.94 9.31 10.82
CA LEU E 42 22.68 9.99 10.57
C LEU E 42 22.90 11.49 10.38
N LYS E 43 22.46 12.04 9.25
CA LYS E 43 22.68 13.45 8.97
C LYS E 43 21.44 14.32 9.07
N SER E 44 20.29 13.72 8.79
CA SER E 44 19.03 14.43 8.84
C SER E 44 17.89 13.47 8.57
N PHE E 45 16.70 13.94 8.92
CA PHE E 45 15.50 13.12 8.81
C PHE E 45 14.26 14.01 8.91
N ASP E 46 13.16 13.59 8.32
CA ASP E 46 11.93 14.39 8.42
C ASP E 46 10.88 13.56 9.13
N LEU E 47 9.65 14.09 9.26
CA LEU E 47 8.64 13.36 10.03
C LEU E 47 8.15 12.07 9.35
N HIS E 48 8.45 11.93 8.08
CA HIS E 48 8.10 10.68 7.39
C HIS E 48 9.19 9.65 7.64
N MET E 49 10.26 10.05 8.33
CA MET E 49 11.42 9.17 8.50
C MET E 49 12.23 9.00 7.22
N ASN E 50 12.02 9.88 6.22
CA ASN E 50 13.02 9.96 5.16
C ASN E 50 14.28 10.40 5.87
N LEU E 51 15.42 9.87 5.50
CA LEU E 51 16.64 10.26 6.22
C LEU E 51 17.88 10.19 5.35
N VAL E 52 18.93 10.88 5.79
CA VAL E 52 20.19 10.86 5.05
C VAL E 52 21.26 10.27 5.92
N LEU E 53 22.03 9.34 5.36
CA LEU E 53 23.20 8.79 6.07
C LEU E 53 24.46 9.20 5.35
N ASN E 54 25.55 9.37 6.10
CA ASN E 54 26.86 9.57 5.48
C ASN E 54 27.72 8.35 5.72
N ASP E 55 28.74 8.18 4.89
CA ASP E 55 29.64 7.04 4.96
C ASP E 55 28.82 5.78 5.08
N ALA E 56 27.77 5.67 4.28
CA ALA E 56 26.86 4.52 4.40
C ALA E 56 27.42 3.20 3.87
N GLU E 57 26.95 2.12 4.48
CA GLU E 57 27.29 0.76 4.08
C GLU E 57 26.04 -0.11 4.01
N GLU E 58 25.99 -1.03 3.05
CA GLU E 58 24.87 -1.96 2.98
C GLU E 58 25.36 -3.29 3.51
N LEU E 59 24.56 -3.94 4.36
CA LEU E 59 25.01 -5.21 4.92
C LEU E 59 24.12 -6.37 4.52
N GLU E 60 24.57 -7.57 4.89
CA GLU E 60 23.86 -8.80 4.65
C GLU E 60 24.52 -9.88 5.49
N ASP E 61 23.76 -10.41 6.45
CA ASP E 61 24.28 -11.43 7.35
C ASP E 61 25.43 -10.91 8.22
N GLY E 62 25.50 -9.59 8.36
CA GLY E 62 26.50 -8.96 9.20
C GLY E 62 27.75 -8.48 8.48
N GLU E 63 27.82 -8.68 7.17
CA GLU E 63 29.00 -8.26 6.40
C GLU E 63 28.67 -7.12 5.45
N VAL E 64 29.65 -6.25 5.19
CA VAL E 64 29.40 -5.17 4.26
C VAL E 64 29.39 -5.69 2.83
N THR E 65 28.41 -5.30 2.04
CA THR E 65 28.39 -5.72 0.66
C THR E 65 28.34 -4.53 -0.29
N ARG E 66 28.31 -3.32 0.26
CA ARG E 66 28.24 -2.16 -0.61
C ARG E 66 28.53 -0.86 0.11
N ARG E 67 29.45 -0.09 -0.44
CA ARG E 67 29.80 1.20 0.10
C ARG E 67 29.17 2.36 -0.68
N LEU E 68 28.52 3.27 0.04
CA LEU E 68 27.98 4.52 -0.53
C LEU E 68 28.44 5.66 0.40
N GLY E 69 28.82 6.81 -0.17
CA GLY E 69 29.34 7.92 0.62
C GLY E 69 28.34 8.92 1.19
N THR E 70 27.11 8.80 0.73
CA THR E 70 25.95 9.60 1.12
C THR E 70 24.74 8.91 0.47
N VAL E 71 23.71 8.63 1.26
CA VAL E 71 22.51 8.01 0.70
C VAL E 71 21.25 8.59 1.36
N LEU E 72 20.21 8.81 0.55
CA LEU E 72 18.92 9.27 1.05
C LEU E 72 17.97 8.04 1.01
N ILE E 73 17.43 7.69 2.17
CA ILE E 73 16.55 6.52 2.32
C ILE E 73 15.10 6.97 2.56
N ARG E 74 14.18 6.48 1.76
CA ARG E 74 12.78 6.81 1.92
C ARG E 74 12.15 6.09 3.13
N GLY E 75 11.49 6.87 4.00
CA GLY E 75 10.95 6.33 5.24
C GLY E 75 9.93 5.23 5.11
N ASP E 76 9.14 5.26 4.03
CA ASP E 76 8.07 4.29 3.88
C ASP E 76 8.58 2.88 3.82
N ASN E 77 9.86 2.70 3.56
CA ASN E 77 10.44 1.35 3.47
C ASN E 77 11.12 0.91 4.77
N ILE E 78 11.14 1.77 5.77
CA ILE E 78 11.84 1.42 7.02
C ILE E 78 11.03 0.48 7.94
N VAL E 79 11.68 -0.56 8.47
CA VAL E 79 11.06 -1.42 9.47
C VAL E 79 11.46 -0.85 10.82
N TYR E 80 12.76 -0.73 11.08
CA TYR E 80 13.21 -0.08 12.30
C TYR E 80 14.54 0.64 12.15
N ILE E 81 14.82 1.45 13.16
CA ILE E 81 16.08 2.17 13.27
C ILE E 81 16.64 1.96 14.64
N SER E 82 17.91 1.58 14.68
CA SER E 82 18.57 1.41 15.94
C SER E 82 19.58 2.52 16.02
N PRO E 83 19.27 3.54 16.79
CA PRO E 83 20.11 4.72 16.80
C PRO E 83 21.33 4.51 17.67
N GLN F 14 -13.06 3.54 24.07
CA GLN F 14 -13.15 4.48 22.91
C GLN F 14 -11.78 4.89 22.43
N ARG F 15 -10.74 4.31 23.05
CA ARG F 15 -9.36 4.61 22.68
C ARG F 15 -8.38 3.47 23.02
N PRO F 16 -8.06 2.64 22.03
CA PRO F 16 -7.08 1.57 22.19
C PRO F 16 -5.66 2.07 22.39
N LEU F 17 -5.36 3.27 21.93
CA LEU F 17 -4.04 3.81 22.09
C LEU F 17 -3.70 3.95 23.60
N ASP F 18 -4.72 3.95 24.44
CA ASP F 18 -4.47 4.04 25.88
C ASP F 18 -3.83 2.76 26.40
N ALA F 19 -4.03 1.64 25.68
CA ALA F 19 -3.37 0.40 26.08
C ALA F 19 -1.86 0.60 26.05
N LEU F 20 -1.39 1.43 25.12
CA LEU F 20 0.04 1.71 25.05
C LEU F 20 0.45 2.57 26.21
N GLY F 21 -0.37 3.58 26.50
CA GLY F 21 -0.07 4.49 27.58
C GLY F 21 0.08 3.71 28.87
N ASN F 22 -0.81 2.76 29.07
CA ASN F 22 -0.81 1.95 30.29
C ASN F 22 0.47 1.13 30.41
N SER F 23 1.14 0.91 29.28
CA SER F 23 2.29 0.02 29.31
C SER F 23 3.67 0.70 29.24
N LEU F 24 3.70 2.03 29.25
CA LEU F 24 4.99 2.73 29.18
C LEU F 24 5.94 2.30 30.31
N ASN F 25 7.21 2.06 29.95
CA ASN F 25 8.22 1.68 30.91
C ASN F 25 8.08 0.28 31.46
N SER F 26 7.34 -0.54 30.73
CA SER F 26 7.15 -1.94 31.06
C SER F 26 7.41 -2.76 29.80
N PRO F 27 7.69 -4.05 29.96
CA PRO F 27 8.00 -4.92 28.82
C PRO F 27 6.80 -5.17 27.95
N VAL F 28 6.98 -5.11 26.64
CA VAL F 28 5.91 -5.44 25.71
C VAL F 28 6.46 -6.34 24.62
N ILE F 29 5.54 -6.90 23.85
CA ILE F 29 5.84 -7.73 22.70
C ILE F 29 5.25 -7.04 21.48
N ILE F 30 6.07 -6.86 20.45
CA ILE F 30 5.58 -6.22 19.22
C ILE F 30 5.69 -7.23 18.10
N LYS F 31 4.56 -7.56 17.48
CA LYS F 31 4.59 -8.47 16.37
C LYS F 31 4.51 -7.65 15.08
N LEU F 32 5.45 -7.87 14.17
CA LEU F 32 5.45 -7.16 12.91
C LEU F 32 5.04 -8.07 11.78
N LYS F 33 4.80 -7.45 10.64
CA LYS F 33 4.47 -8.17 9.43
C LYS F 33 5.63 -9.07 9.01
N GLY F 34 5.30 -10.18 8.36
CA GLY F 34 6.31 -11.11 7.89
C GLY F 34 6.94 -11.93 9.00
N ASP F 35 6.27 -11.95 10.14
CA ASP F 35 6.66 -12.76 11.31
C ASP F 35 7.80 -12.32 12.25
N ARG F 36 8.39 -11.16 11.97
CA ARG F 36 9.42 -10.65 12.85
C ARG F 36 8.75 -10.28 14.18
N GLU F 37 9.47 -10.33 15.28
CA GLU F 37 8.86 -9.99 16.54
C GLU F 37 9.86 -9.35 17.46
N PHE F 38 9.47 -8.29 18.16
CA PHE F 38 10.36 -7.66 19.14
C PHE F 38 9.83 -7.70 20.56
N ARG F 39 10.75 -7.80 21.51
CA ARG F 39 10.41 -7.70 22.93
C ARG F 39 11.31 -6.63 23.50
N GLY F 40 10.76 -5.73 24.29
CA GLY F 40 11.59 -4.74 24.95
C GLY F 40 10.75 -3.83 25.82
N VAL F 41 11.36 -2.80 26.39
CA VAL F 41 10.65 -1.90 27.29
C VAL F 41 10.13 -0.71 26.50
N LEU F 42 8.84 -0.45 26.62
CA LEU F 42 8.20 0.62 25.87
C LEU F 42 8.56 1.96 26.44
N LYS F 43 9.14 2.80 25.59
CA LYS F 43 9.64 4.07 26.05
C LYS F 43 8.86 5.26 25.55
N SER F 44 8.30 5.13 24.35
CA SER F 44 7.60 6.21 23.67
C SER F 44 6.76 5.67 22.50
N PHE F 45 5.66 6.37 22.20
CA PHE F 45 4.83 6.03 21.04
C PHE F 45 3.99 7.24 20.63
N ASP F 46 3.55 7.27 19.38
CA ASP F 46 2.69 8.35 18.91
C ASP F 46 1.42 7.76 18.30
N LEU F 47 0.54 8.62 17.81
CA LEU F 47 -0.74 8.15 17.29
C LEU F 47 -0.59 7.18 16.12
N HIS F 48 0.56 7.16 15.48
CA HIS F 48 0.77 6.27 14.34
C HIS F 48 1.24 4.92 14.80
N MET F 49 1.51 4.81 16.10
CA MET F 49 2.05 3.61 16.69
C MET F 49 3.53 3.42 16.38
N ASN F 50 4.18 4.51 15.92
CA ASN F 50 5.64 4.52 15.88
C ASN F 50 6.00 4.44 17.35
N LEU F 51 7.02 3.67 17.70
CA LEU F 51 7.35 3.51 19.11
C LEU F 51 8.81 3.21 19.33
N VAL F 52 9.29 3.52 20.53
CA VAL F 52 10.67 3.23 20.90
C VAL F 52 10.70 2.16 21.97
N LEU F 53 11.57 1.17 21.79
CA LEU F 53 11.83 0.24 22.89
C LEU F 53 13.29 0.27 23.31
N ASN F 54 13.55 0.00 24.59
CA ASN F 54 14.91 -0.19 25.07
C ASN F 54 15.17 -1.68 25.32
N ASP F 55 16.44 -2.08 25.44
CA ASP F 55 16.77 -3.49 25.69
C ASP F 55 16.00 -4.43 24.77
N ALA F 56 15.90 -4.06 23.51
CA ALA F 56 15.13 -4.80 22.53
C ALA F 56 15.80 -6.09 22.08
N GLU F 57 15.01 -7.16 22.04
CA GLU F 57 15.47 -8.44 21.51
C GLU F 57 14.57 -8.76 20.33
N GLU F 58 15.18 -9.22 19.25
CA GLU F 58 14.42 -9.62 18.07
C GLU F 58 14.31 -11.12 18.12
N LEU F 59 13.11 -11.67 17.92
CA LEU F 59 12.98 -13.12 17.96
C LEU F 59 12.50 -13.74 16.67
N GLU F 60 12.89 -14.99 16.48
CA GLU F 60 12.53 -15.80 15.32
C GLU F 60 12.41 -17.22 15.83
N ASP F 61 11.26 -17.84 15.59
CA ASP F 61 11.02 -19.18 16.09
C ASP F 61 11.11 -19.15 17.61
N GLY F 62 10.82 -17.97 18.16
CA GLY F 62 10.89 -17.75 19.59
C GLY F 62 12.31 -17.61 20.10
N GLU F 63 13.28 -17.59 19.18
CA GLU F 63 14.69 -17.48 19.55
C GLU F 63 15.18 -16.06 19.38
N VAL F 64 16.08 -15.63 20.26
CA VAL F 64 16.63 -14.28 20.16
C VAL F 64 17.79 -14.27 19.16
N THR F 65 17.65 -13.47 18.11
CA THR F 65 18.67 -13.38 17.06
C THR F 65 19.38 -12.04 17.02
N ARG F 66 18.84 -11.04 17.71
CA ARG F 66 19.49 -9.74 17.71
C ARG F 66 19.13 -8.91 18.95
N ARG F 67 20.15 -8.27 19.52
CA ARG F 67 19.97 -7.40 20.68
C ARG F 67 20.29 -5.94 20.32
N LEU F 68 19.35 -5.05 20.67
CA LEU F 68 19.43 -3.63 20.38
C LEU F 68 19.16 -2.81 21.63
N GLY F 69 20.10 -1.98 22.04
CA GLY F 69 19.92 -1.20 23.25
C GLY F 69 18.69 -0.31 23.19
N THR F 70 18.36 0.10 21.97
CA THR F 70 17.25 1.02 21.72
C THR F 70 16.87 0.91 20.26
N VAL F 71 15.58 0.74 19.97
CA VAL F 71 15.11 0.67 18.58
C VAL F 71 13.86 1.50 18.38
N LEU F 72 13.81 2.22 17.25
CA LEU F 72 12.60 2.94 16.85
C LEU F 72 11.91 2.10 15.78
N ILE F 73 10.69 1.66 16.06
CA ILE F 73 9.92 0.83 15.13
C ILE F 73 8.80 1.64 14.48
N ARG F 74 8.73 1.59 13.16
CA ARG F 74 7.63 2.23 12.46
C ARG F 74 6.30 1.52 12.61
N GLY F 75 5.27 2.30 12.97
CA GLY F 75 3.96 1.75 13.20
C GLY F 75 3.36 0.99 12.02
N ASP F 76 3.62 1.45 10.80
CA ASP F 76 2.94 0.86 9.64
C ASP F 76 3.24 -0.62 9.50
N ASN F 77 4.29 -1.08 10.16
CA ASN F 77 4.69 -2.48 10.06
C ASN F 77 4.10 -3.35 11.16
N ILE F 78 3.48 -2.73 12.15
CA ILE F 78 2.93 -3.47 13.27
C ILE F 78 1.64 -4.22 13.00
N VAL F 79 1.64 -5.49 13.39
CA VAL F 79 0.44 -6.30 13.38
C VAL F 79 -0.28 -6.15 14.71
N TYR F 80 0.41 -6.45 15.79
CA TYR F 80 -0.13 -6.25 17.12
C TYR F 80 0.92 -5.95 18.19
N ILE F 81 0.43 -5.45 19.32
CA ILE F 81 1.26 -5.20 20.48
C ILE F 81 0.63 -5.94 21.65
N SER F 82 1.46 -6.64 22.43
CA SER F 82 0.92 -7.41 23.54
C SER F 82 1.75 -7.14 24.76
N PRO F 83 1.10 -6.57 25.78
CA PRO F 83 1.73 -6.31 27.08
C PRO F 83 1.84 -7.58 27.90
N VAL G 11 -27.13 -1.24 14.76
CA VAL G 11 -26.40 -0.94 13.50
C VAL G 11 -27.14 0.07 12.59
N ASN G 12 -26.67 1.31 12.61
CA ASN G 12 -27.22 2.37 11.78
C ASN G 12 -26.57 2.37 10.39
N VAL G 13 -27.41 2.46 9.36
CA VAL G 13 -27.05 2.37 7.93
C VAL G 13 -25.79 3.10 7.43
N GLN G 14 -25.40 4.17 8.10
CA GLN G 14 -24.22 4.89 7.64
C GLN G 14 -23.08 4.81 8.65
N ARG G 15 -23.25 3.95 9.65
CA ARG G 15 -22.23 3.73 10.68
C ARG G 15 -21.84 2.26 10.88
N PRO G 16 -20.97 1.76 10.04
CA PRO G 16 -20.55 0.38 10.19
C PRO G 16 -19.87 0.16 11.52
N LEU G 17 -19.24 1.19 12.04
CA LEU G 17 -18.50 1.06 13.30
C LEU G 17 -19.44 0.73 14.45
N ASP G 18 -20.73 0.97 14.28
CA ASP G 18 -21.61 0.62 15.36
C ASP G 18 -21.66 -0.90 15.61
N ALA G 19 -21.29 -1.70 14.61
CA ALA G 19 -21.28 -3.13 14.86
C ALA G 19 -20.23 -3.47 15.91
N LEU G 20 -19.18 -2.66 16.00
CA LEU G 20 -18.15 -2.89 17.01
C LEU G 20 -18.70 -2.43 18.37
N GLY G 21 -19.36 -1.29 18.38
CA GLY G 21 -19.94 -0.79 19.61
C GLY G 21 -20.87 -1.82 20.23
N ASN G 22 -21.67 -2.45 19.38
CA ASN G 22 -22.61 -3.47 19.81
C ASN G 22 -21.93 -4.67 20.40
N SER G 23 -20.66 -4.85 20.02
CA SER G 23 -19.88 -6.03 20.40
C SER G 23 -18.96 -5.87 21.59
N LEU G 24 -18.93 -4.68 22.21
CA LEU G 24 -18.03 -4.46 23.32
C LEU G 24 -18.31 -5.47 24.39
N ASN G 25 -17.25 -5.99 24.97
CA ASN G 25 -17.36 -6.97 26.05
C ASN G 25 -17.96 -8.29 25.59
N SER G 26 -17.93 -8.54 24.30
CA SER G 26 -18.44 -9.79 23.76
C SER G 26 -17.31 -10.45 22.96
N PRO G 27 -17.36 -11.77 22.82
CA PRO G 27 -16.34 -12.47 22.03
C PRO G 27 -16.42 -12.09 20.56
N VAL G 28 -15.29 -11.89 19.92
CA VAL G 28 -15.31 -11.60 18.50
C VAL G 28 -14.24 -12.42 17.79
N ILE G 29 -14.37 -12.52 16.49
CA ILE G 29 -13.37 -13.16 15.65
C ILE G 29 -12.79 -12.09 14.71
N ILE G 30 -11.48 -11.97 14.68
CA ILE G 30 -10.82 -10.97 13.86
C ILE G 30 -10.01 -11.72 12.80
N LYS G 31 -10.31 -11.50 11.55
CA LYS G 31 -9.54 -12.11 10.47
C LYS G 31 -8.54 -11.10 9.91
N LEU G 32 -7.27 -11.49 9.81
CA LEU G 32 -6.24 -10.60 9.34
C LEU G 32 -5.70 -10.96 7.98
N LYS G 33 -5.06 -9.97 7.38
CA LYS G 33 -4.43 -10.16 6.10
C LYS G 33 -3.39 -11.21 6.37
N GLY G 34 -3.11 -12.06 5.38
CA GLY G 34 -2.16 -13.13 5.62
C GLY G 34 -2.81 -14.37 6.27
N ASP G 35 -4.11 -14.27 6.52
CA ASP G 35 -4.89 -15.41 7.02
C ASP G 35 -4.74 -15.75 8.48
N ARG G 36 -4.03 -14.90 9.19
CA ARG G 36 -3.94 -15.09 10.62
C ARG G 36 -5.31 -14.71 11.22
N GLU G 37 -5.74 -15.49 12.20
CA GLU G 37 -7.01 -15.28 12.88
C GLU G 37 -6.81 -15.07 14.38
N PHE G 38 -7.54 -14.12 14.95
CA PHE G 38 -7.56 -13.92 16.40
C PHE G 38 -8.98 -14.02 16.99
N ARG G 39 -9.10 -14.61 18.19
CA ARG G 39 -10.41 -14.67 18.87
C ARG G 39 -10.22 -14.16 20.28
N GLY G 40 -11.11 -13.27 20.74
CA GLY G 40 -11.03 -12.81 22.12
C GLY G 40 -12.17 -11.87 22.45
N VAL G 41 -12.12 -11.23 23.60
CA VAL G 41 -13.19 -10.36 24.02
C VAL G 41 -12.85 -8.92 23.68
N LEU G 42 -13.76 -8.27 22.96
CA LEU G 42 -13.51 -6.92 22.51
C LEU G 42 -13.63 -5.93 23.66
N LYS G 43 -12.56 -5.19 23.92
CA LYS G 43 -12.58 -4.24 25.02
C LYS G 43 -12.62 -2.81 24.55
N SER G 44 -11.94 -2.55 23.45
CA SER G 44 -11.80 -1.20 22.95
C SER G 44 -11.53 -1.17 21.45
N PHE G 45 -11.86 -0.06 20.80
CA PHE G 45 -11.56 0.13 19.37
C PHE G 45 -11.68 1.58 19.00
N ASP G 46 -11.21 1.95 17.82
CA ASP G 46 -11.36 3.35 17.40
C ASP G 46 -11.80 3.37 15.94
N LEU G 47 -12.04 4.56 15.41
CA LEU G 47 -12.52 4.70 14.04
C LEU G 47 -11.61 4.06 13.00
N HIS G 48 -10.31 3.96 13.33
CA HIS G 48 -9.38 3.26 12.44
C HIS G 48 -9.49 1.73 12.54
N MET G 49 -10.32 1.25 13.44
CA MET G 49 -10.44 -0.18 13.74
C MET G 49 -9.23 -0.79 14.46
N ASN G 50 -8.41 0.07 15.04
CA ASN G 50 -7.43 -0.44 15.98
C ASN G 50 -8.30 -0.97 17.09
N LEU G 51 -7.96 -2.10 17.67
CA LEU G 51 -8.79 -2.58 18.78
C LEU G 51 -8.01 -3.34 19.83
N VAL G 52 -8.60 -3.47 21.01
CA VAL G 52 -8.00 -4.22 22.07
C VAL G 52 -8.92 -5.37 22.40
N LEU G 53 -8.34 -6.58 22.46
CA LEU G 53 -9.02 -7.80 22.90
C LEU G 53 -8.43 -8.25 24.22
N ASN G 54 -9.24 -8.92 25.06
CA ASN G 54 -8.77 -9.55 26.29
C ASN G 54 -8.87 -11.06 26.09
N ASP G 55 -8.01 -11.80 26.77
CA ASP G 55 -7.99 -13.27 26.69
C ASP G 55 -7.96 -13.76 25.28
N ALA G 56 -7.06 -13.17 24.51
CA ALA G 56 -6.96 -13.43 23.07
C ALA G 56 -6.27 -14.76 22.81
N GLU G 57 -6.60 -15.32 21.66
CA GLU G 57 -5.96 -16.53 21.15
C GLU G 57 -5.69 -16.33 19.66
N GLU G 58 -4.50 -16.70 19.19
CA GLU G 58 -4.25 -16.64 17.77
C GLU G 58 -4.45 -18.02 17.19
N LEU G 59 -5.04 -18.05 16.00
CA LEU G 59 -5.38 -19.28 15.33
C LEU G 59 -4.77 -19.45 13.95
N GLU G 60 -4.47 -20.70 13.66
CA GLU G 60 -4.02 -21.17 12.36
C GLU G 60 -4.80 -22.47 12.15
N ASP G 61 -5.78 -22.42 11.26
CA ASP G 61 -6.69 -23.53 11.03
C ASP G 61 -7.36 -23.96 12.34
N GLY G 62 -8.25 -23.11 12.84
CA GLY G 62 -9.02 -23.41 14.04
C GLY G 62 -8.30 -23.96 15.25
N GLU G 63 -6.97 -23.99 15.22
CA GLU G 63 -6.21 -24.44 16.38
C GLU G 63 -5.37 -23.29 16.97
N VAL G 64 -5.56 -23.06 18.25
CA VAL G 64 -4.81 -22.05 18.97
C VAL G 64 -3.32 -22.24 18.72
N THR G 65 -2.65 -21.24 18.19
CA THR G 65 -1.21 -21.38 18.01
C THR G 65 -0.54 -20.58 19.10
N ARG G 66 -1.28 -19.66 19.68
CA ARG G 66 -0.69 -18.77 20.65
C ARG G 66 -1.75 -18.15 21.54
N ARG G 67 -1.45 -18.06 22.84
CA ARG G 67 -2.36 -17.43 23.77
C ARG G 67 -1.81 -16.12 24.31
N LEU G 68 -2.67 -15.10 24.35
CA LEU G 68 -2.30 -13.80 24.89
C LEU G 68 -3.37 -13.23 25.82
N GLY G 69 -2.96 -12.57 26.88
CA GLY G 69 -3.93 -12.06 27.83
C GLY G 69 -4.63 -10.77 27.42
N THR G 70 -3.91 -9.94 26.69
CA THR G 70 -4.36 -8.63 26.23
C THR G 70 -3.59 -8.33 24.95
N VAL G 71 -4.28 -7.80 23.94
CA VAL G 71 -3.56 -7.50 22.72
C VAL G 71 -4.23 -6.36 21.97
N LEU G 72 -3.40 -5.44 21.49
CA LEU G 72 -3.84 -4.34 20.64
C LEU G 72 -3.48 -4.66 19.17
N ILE G 73 -4.50 -4.87 18.34
CA ILE G 73 -4.33 -5.20 16.92
C ILE G 73 -4.52 -3.95 16.09
N ARG G 74 -3.60 -3.67 15.17
CA ARG G 74 -3.70 -2.49 14.31
C ARG G 74 -4.78 -2.65 13.25
N GLY G 75 -5.66 -1.66 13.10
CA GLY G 75 -6.76 -1.78 12.18
C GLY G 75 -6.41 -2.03 10.71
N ASP G 76 -5.30 -1.49 10.28
CA ASP G 76 -4.87 -1.59 8.87
C ASP G 76 -4.69 -3.01 8.36
N ASN G 77 -4.49 -3.97 9.25
CA ASN G 77 -4.29 -5.36 8.84
C ASN G 77 -5.54 -6.19 8.91
N ILE G 78 -6.65 -5.60 9.35
CA ILE G 78 -7.89 -6.37 9.47
C ILE G 78 -8.68 -6.55 8.19
N VAL G 79 -9.16 -7.77 7.94
CA VAL G 79 -9.99 -8.03 6.82
C VAL G 79 -11.43 -7.92 7.30
N TYR G 80 -11.77 -8.71 8.32
CA TYR G 80 -13.12 -8.61 8.88
C TYR G 80 -13.16 -8.82 10.39
N ILE G 81 -14.23 -8.32 11.00
CA ILE G 81 -14.44 -8.56 12.43
C ILE G 81 -15.81 -9.16 12.55
N SER G 82 -15.90 -10.23 13.32
CA SER G 82 -17.17 -10.92 13.39
C SER G 82 -17.57 -11.23 14.82
N PRO G 83 -18.57 -10.52 15.30
CA PRO G 83 -19.16 -10.83 16.59
C PRO G 83 -20.18 -11.91 16.30
#